data_4L1T
#
_entry.id   4L1T
#
_cell.length_a   42.305
_cell.length_b   85.551
_cell.length_c   63.006
_cell.angle_alpha   90.000
_cell.angle_beta   90.000
_cell.angle_gamma   90.000
#
_symmetry.space_group_name_H-M   'P 21 21 2'
#
loop_
_entity.id
_entity.type
_entity.pdbx_description
1 polymer Transthyretin
2 non-polymer '3-(dimethylamino)-5-[(E)-2-(4-hydroxy-3,5-dimethylphenyl)ethenyl]benzoic acid'
3 water water
#
_entity_poly.entity_id   1
_entity_poly.type   'polypeptide(L)'
_entity_poly.pdbx_seq_one_letter_code
;GPTGTGESKCPLMVKVLDAVRGSPAINVAVHVFRKAADDTWEPFASGKTSESGELHGLTTEEEFVEGIYKVEIDTKSYWK
ALGISPFHEHAEVVFTANDSGPRRYTIAALLSPYSYSTTAVVTNPKE
;
_entity_poly.pdbx_strand_id   A,B
#
loop_
_chem_comp.id
_chem_comp.type
_chem_comp.name
_chem_comp.formula
1WZ non-polymer '3-(dimethylamino)-5-[(E)-2-(4-hydroxy-3,5-dimethylphenyl)ethenyl]benzoic acid' 'C19 H21 N O3'
#
# COMPACT_ATOMS: atom_id res chain seq x y z
N CYS A 10 6.94 -23.03 1.49
CA CYS A 10 6.38 -21.70 1.82
C CYS A 10 6.83 -20.61 0.83
N PRO A 11 6.08 -20.44 -0.27
CA PRO A 11 6.54 -19.46 -1.22
C PRO A 11 6.11 -18.04 -0.93
N LEU A 12 5.28 -17.83 0.08
CA LEU A 12 4.82 -16.49 0.43
C LEU A 12 4.85 -16.34 1.91
N MET A 13 5.65 -15.40 2.40
CA MET A 13 5.78 -15.10 3.83
C MET A 13 5.60 -13.62 4.06
N VAL A 14 5.00 -13.25 5.19
CA VAL A 14 4.81 -11.85 5.54
C VAL A 14 5.45 -11.60 6.89
N LYS A 15 6.17 -10.49 6.99
CA LYS A 15 6.80 -10.07 8.23
CA LYS A 15 6.89 -10.03 8.17
C LYS A 15 6.41 -8.62 8.51
N VAL A 16 5.99 -8.36 9.75
CA VAL A 16 5.51 -7.03 10.09
C VAL A 16 6.19 -6.59 11.40
N LEU A 17 6.69 -5.36 11.38
CA LEU A 17 7.39 -4.71 12.49
C LEU A 17 6.67 -3.44 12.90
N ASP A 18 6.81 -3.08 14.18
CA ASP A 18 6.22 -1.88 14.77
C ASP A 18 7.33 -0.88 15.08
N ALA A 19 7.25 0.26 14.43
CA ALA A 19 8.24 1.34 14.54
C ALA A 19 8.07 2.24 15.76
N VAL A 20 6.97 2.10 16.50
CA VAL A 20 6.72 2.88 17.70
C VAL A 20 7.31 2.16 18.90
N ARG A 21 7.10 0.87 18.97
CA ARG A 21 7.50 -0.03 20.06
CA ARG A 21 7.60 0.17 20.14
C ARG A 21 8.88 -0.62 19.87
N GLY A 22 9.34 -0.70 18.62
CA GLY A 22 10.58 -1.43 18.37
C GLY A 22 10.45 -2.91 18.57
N SER A 23 9.42 -3.48 17.96
CA SER A 23 9.05 -4.86 18.21
C SER A 23 8.45 -5.47 16.98
N PRO A 24 8.36 -6.81 16.93
CA PRO A 24 7.45 -7.41 15.95
C PRO A 24 6.03 -6.92 16.16
N ALA A 25 5.29 -6.82 15.08
CA ALA A 25 3.86 -6.50 15.14
C ALA A 25 3.12 -7.84 15.21
N ILE A 26 2.58 -8.13 16.38
CA ILE A 26 1.99 -9.44 16.63
CA ILE A 26 2.00 -9.40 16.72
C ILE A 26 0.50 -9.38 16.45
N ASN A 27 -0.05 -10.49 15.98
CA ASN A 27 -1.51 -10.58 15.82
CA ASN A 27 -1.48 -10.67 15.77
C ASN A 27 -2.06 -9.64 14.78
N VAL A 28 -1.30 -9.40 13.73
CA VAL A 28 -1.74 -8.57 12.63
C VAL A 28 -2.45 -9.48 11.61
N ALA A 29 -3.70 -9.14 11.27
CA ALA A 29 -4.42 -9.88 10.24
C ALA A 29 -3.89 -9.52 8.86
N VAL A 30 -3.77 -10.53 8.01
CA VAL A 30 -3.28 -10.37 6.64
C VAL A 30 -4.20 -11.15 5.72
N HIS A 31 -4.67 -10.49 4.66
CA HIS A 31 -5.51 -11.13 3.64
C HIS A 31 -4.83 -11.02 2.29
N VAL A 32 -4.79 -12.13 1.56
CA VAL A 32 -4.19 -12.16 0.23
C VAL A 32 -5.29 -12.42 -0.76
N PHE A 33 -5.29 -11.65 -1.84
CA PHE A 33 -6.23 -11.79 -2.95
C PHE A 33 -5.47 -12.01 -4.23
N ARG A 34 -6.13 -12.62 -5.19
CA ARG A 34 -5.57 -12.84 -6.52
C ARG A 34 -6.54 -12.35 -7.57
N LYS A 35 -6.06 -11.62 -8.56
CA LYS A 35 -6.93 -11.05 -9.56
CA LYS A 35 -6.95 -11.06 -9.57
C LYS A 35 -7.47 -12.17 -10.47
N ALA A 36 -8.79 -12.27 -10.58
CA ALA A 36 -9.42 -13.28 -11.42
C ALA A 36 -9.51 -12.84 -12.85
N ALA A 37 -9.94 -13.77 -13.71
CA ALA A 37 -10.13 -13.57 -15.13
C ALA A 37 -11.00 -12.37 -15.46
N ASP A 38 -12.01 -12.14 -14.62
CA ASP A 38 -12.95 -11.03 -14.78
C ASP A 38 -12.49 -9.74 -14.09
N ASP A 39 -11.22 -9.68 -13.71
CA ASP A 39 -10.61 -8.50 -13.10
C ASP A 39 -11.04 -8.16 -11.66
N THR A 40 -11.77 -9.08 -11.01
CA THR A 40 -12.11 -8.92 -9.59
C THR A 40 -11.04 -9.58 -8.73
N TRP A 41 -11.01 -9.19 -7.46
CA TRP A 41 -10.06 -9.69 -6.50
C TRP A 41 -10.63 -10.87 -5.75
N GLU A 42 -10.15 -12.06 -6.03
CA GLU A 42 -10.63 -13.31 -5.44
CA GLU A 42 -10.70 -13.21 -5.38
C GLU A 42 -9.87 -13.54 -4.15
N PRO A 43 -10.54 -13.93 -3.06
CA PRO A 43 -9.78 -14.33 -1.88
C PRO A 43 -8.86 -15.52 -2.18
N PHE A 44 -7.64 -15.43 -1.69
CA PHE A 44 -6.63 -16.44 -1.94
C PHE A 44 -6.16 -17.11 -0.68
N ALA A 45 -5.82 -16.32 0.33
CA ALA A 45 -5.46 -16.85 1.59
C ALA A 45 -5.42 -15.80 2.67
N SER A 46 -5.39 -16.18 3.95
CA SER A 46 -5.32 -15.21 5.02
C SER A 46 -4.71 -15.86 6.25
N GLY A 47 -4.29 -15.02 7.19
CA GLY A 47 -3.73 -15.48 8.44
C GLY A 47 -3.40 -14.33 9.35
N LYS A 48 -2.71 -14.64 10.44
CA LYS A 48 -2.25 -13.54 11.30
CA LYS A 48 -2.35 -13.72 11.54
C LYS A 48 -0.83 -13.78 11.76
N THR A 49 -0.13 -12.67 11.99
CA THR A 49 1.25 -12.76 12.40
C THR A 49 1.38 -13.34 13.80
N SER A 50 2.47 -14.06 13.98
CA SER A 50 2.86 -14.68 15.22
C SER A 50 3.51 -13.68 16.18
N GLU A 51 3.98 -14.22 17.30
CA GLU A 51 4.76 -13.48 18.29
C GLU A 51 6.07 -12.89 17.74
N SER A 52 6.56 -13.45 16.64
CA SER A 52 7.74 -12.91 16.00
C SER A 52 7.41 -11.95 14.85
N GLY A 53 6.15 -11.62 14.67
CA GLY A 53 5.74 -10.77 13.57
C GLY A 53 5.69 -11.45 12.22
N GLU A 54 5.76 -12.77 12.19
CA GLU A 54 5.83 -13.54 10.95
C GLU A 54 4.56 -14.30 10.69
N LEU A 55 4.26 -14.45 9.42
CA LEU A 55 3.11 -15.24 8.98
C LEU A 55 3.62 -16.17 7.89
N HIS A 56 3.67 -17.44 8.27
CA HIS A 56 4.07 -18.56 7.46
C HIS A 56 2.81 -19.39 7.11
N GLY A 57 2.92 -20.22 6.11
CA GLY A 57 1.85 -21.18 5.86
C GLY A 57 0.68 -20.63 5.08
N LEU A 58 0.80 -19.46 4.47
CA LEU A 58 -0.31 -18.91 3.71
C LEU A 58 -0.73 -19.78 2.54
N THR A 59 0.24 -20.35 1.84
CA THR A 59 -0.07 -21.06 0.61
C THR A 59 0.96 -22.12 0.36
N THR A 60 0.82 -22.77 -0.79
CA THR A 60 1.66 -23.89 -1.16
C THR A 60 2.19 -23.62 -2.55
N GLU A 61 3.27 -24.27 -2.97
N GLU A 61 3.26 -24.31 -2.90
CA GLU A 61 3.76 -24.08 -4.35
CA GLU A 61 3.82 -24.29 -4.24
C GLU A 61 2.77 -24.58 -5.42
C GLU A 61 2.73 -24.52 -5.30
N GLU A 62 1.88 -25.51 -5.08
CA GLU A 62 0.82 -25.87 -6.05
C GLU A 62 -0.18 -24.75 -6.24
N GLU A 63 -0.63 -24.15 -5.13
CA GLU A 63 -1.71 -23.21 -5.23
C GLU A 63 -1.23 -21.86 -5.70
N PHE A 64 0.03 -21.53 -5.42
CA PHE A 64 0.56 -20.18 -5.68
C PHE A 64 1.04 -20.10 -7.13
N VAL A 65 0.07 -19.98 -8.02
CA VAL A 65 0.35 -19.96 -9.44
C VAL A 65 0.67 -18.54 -9.88
N GLU A 66 1.03 -18.34 -11.13
CA GLU A 66 1.22 -17.00 -11.64
CA GLU A 66 1.16 -16.98 -11.68
C GLU A 66 -0.07 -16.20 -11.46
N GLY A 67 0.08 -14.91 -11.25
CA GLY A 67 -1.05 -14.02 -11.16
C GLY A 67 -0.66 -12.70 -10.59
N ILE A 68 -1.63 -11.82 -10.47
CA ILE A 68 -1.47 -10.55 -9.77
C ILE A 68 -2.10 -10.75 -8.40
N TYR A 69 -1.30 -10.52 -7.38
CA TYR A 69 -1.67 -10.72 -5.99
C TYR A 69 -1.70 -9.40 -5.25
N LYS A 70 -2.58 -9.34 -4.27
CA LYS A 70 -2.68 -8.22 -3.35
C LYS A 70 -2.60 -8.75 -1.96
N VAL A 71 -1.60 -8.27 -1.21
CA VAL A 71 -1.41 -8.57 0.21
C VAL A 71 -1.89 -7.39 1.00
N GLU A 72 -3.00 -7.56 1.73
CA GLU A 72 -3.59 -6.49 2.53
CA GLU A 72 -3.59 -6.50 2.52
C GLU A 72 -3.26 -6.78 4.00
N ILE A 73 -2.52 -5.86 4.62
CA ILE A 73 -2.11 -5.96 6.00
C ILE A 73 -3.02 -5.05 6.79
N ASP A 74 -3.73 -5.62 7.75
CA ASP A 74 -4.78 -4.85 8.45
C ASP A 74 -4.22 -4.02 9.60
N THR A 75 -3.60 -2.94 9.20
CA THR A 75 -2.90 -2.05 10.09
C THR A 75 -3.85 -1.31 11.03
N LYS A 76 -5.01 -0.90 10.52
N LYS A 76 -5.01 -0.90 10.54
CA LYS A 76 -5.96 -0.15 11.35
CA LYS A 76 -5.89 -0.13 11.42
C LYS A 76 -6.38 -0.98 12.55
C LYS A 76 -6.39 -0.98 12.58
N SER A 77 -6.75 -2.22 12.30
CA SER A 77 -7.17 -3.10 13.38
CA SER A 77 -7.13 -3.16 13.32
C SER A 77 -6.03 -3.36 14.38
N TYR A 78 -4.80 -3.47 13.90
CA TYR A 78 -3.62 -3.59 14.77
C TYR A 78 -3.53 -2.39 15.74
N TRP A 79 -3.49 -1.18 15.19
CA TRP A 79 -3.30 0.01 16.00
C TRP A 79 -4.48 0.22 16.96
N LYS A 80 -5.67 -0.03 16.48
CA LYS A 80 -6.85 0.13 17.33
C LYS A 80 -6.81 -0.80 18.53
N ALA A 81 -6.36 -2.04 18.33
CA ALA A 81 -6.24 -3.02 19.42
C ALA A 81 -5.20 -2.54 20.49
N LEU A 82 -4.25 -1.69 20.10
CA LEU A 82 -3.26 -1.06 20.98
C LEU A 82 -3.75 0.27 21.54
N GLY A 83 -4.95 0.67 21.20
CA GLY A 83 -5.55 1.88 21.74
C GLY A 83 -5.19 3.13 21.00
N ILE A 84 -4.73 2.99 19.75
CA ILE A 84 -4.23 4.09 18.91
C ILE A 84 -5.16 4.26 17.70
N SER A 85 -5.47 5.50 17.35
CA SER A 85 -6.24 5.85 16.15
C SER A 85 -5.28 6.17 14.97
N PRO A 86 -5.12 5.28 14.01
CA PRO A 86 -4.12 5.47 12.95
C PRO A 86 -4.76 6.11 11.74
N PHE A 87 -3.92 6.45 10.79
CA PHE A 87 -4.34 7.10 9.57
C PHE A 87 -4.91 6.14 8.54
N HIS A 88 -4.16 5.10 8.21
CA HIS A 88 -4.47 4.23 7.07
C HIS A 88 -5.47 3.17 7.48
N GLU A 89 -6.22 2.69 6.50
CA GLU A 89 -7.07 1.54 6.72
C GLU A 89 -6.29 0.23 6.76
N HIS A 90 -5.36 0.09 5.86
CA HIS A 90 -4.54 -1.09 5.70
C HIS A 90 -3.31 -0.69 4.93
N ALA A 91 -2.35 -1.57 4.83
CA ALA A 91 -1.20 -1.41 3.95
C ALA A 91 -1.37 -2.46 2.90
N GLU A 92 -1.24 -2.06 1.65
CA GLU A 92 -1.53 -2.94 0.53
C GLU A 92 -0.27 -3.10 -0.29
N VAL A 93 -0.10 -4.31 -0.77
CA VAL A 93 1.06 -4.60 -1.61
C VAL A 93 0.57 -5.41 -2.80
N VAL A 94 0.70 -4.85 -3.99
CA VAL A 94 0.13 -5.46 -5.20
C VAL A 94 1.26 -5.75 -6.18
N PHE A 95 1.34 -6.98 -6.65
CA PHE A 95 2.49 -7.41 -7.47
C PHE A 95 2.11 -8.62 -8.32
N THR A 96 2.78 -8.74 -9.46
CA THR A 96 2.72 -9.93 -10.27
C THR A 96 3.70 -10.96 -9.69
N ALA A 97 3.27 -12.19 -9.48
CA ALA A 97 4.09 -13.25 -8.93
C ALA A 97 4.26 -14.38 -9.93
N ASN A 98 5.44 -15.00 -9.89
CA ASN A 98 5.77 -16.23 -10.58
C ASN A 98 5.74 -16.13 -12.08
N ASP A 99 5.89 -14.95 -12.65
CA ASP A 99 5.69 -14.87 -14.09
C ASP A 99 6.87 -15.39 -14.94
N SER A 100 8.02 -15.62 -14.31
CA SER A 100 9.16 -16.30 -14.93
C SER A 100 9.49 -17.57 -14.15
N GLY A 101 8.46 -18.21 -13.60
CA GLY A 101 8.57 -19.41 -12.85
C GLY A 101 8.45 -19.14 -11.36
N PRO A 102 8.38 -20.22 -10.56
CA PRO A 102 8.14 -20.07 -9.14
C PRO A 102 9.26 -19.30 -8.45
N ARG A 103 8.87 -18.40 -7.55
CA ARG A 103 9.81 -17.72 -6.68
C ARG A 103 9.26 -17.75 -5.28
N ARG A 104 10.13 -17.47 -4.33
CA ARG A 104 9.73 -17.27 -2.95
C ARG A 104 9.72 -15.79 -2.66
N TYR A 105 8.63 -15.34 -2.05
CA TYR A 105 8.42 -13.94 -1.77
C TYR A 105 8.27 -13.74 -0.29
N THR A 106 9.05 -12.82 0.27
CA THR A 106 8.78 -12.26 1.60
C THR A 106 8.34 -10.82 1.44
N ILE A 107 7.16 -10.50 1.95
CA ILE A 107 6.64 -9.14 1.98
C ILE A 107 6.82 -8.65 3.42
N ALA A 108 7.62 -7.61 3.58
CA ALA A 108 7.88 -7.03 4.90
C ALA A 108 7.28 -5.67 4.98
N ALA A 109 6.76 -5.33 6.14
CA ALA A 109 6.16 -4.01 6.39
C ALA A 109 6.62 -3.50 7.76
N LEU A 110 6.84 -2.20 7.81
CA LEU A 110 7.27 -1.47 9.02
C LEU A 110 6.24 -0.38 9.29
N LEU A 111 5.54 -0.45 10.44
CA LEU A 111 4.36 0.34 10.69
C LEU A 111 4.55 1.45 11.68
N SER A 112 3.99 2.60 11.38
CA SER A 112 3.80 3.70 12.31
C SER A 112 2.34 4.18 12.19
N PRO A 113 1.85 5.00 13.13
CA PRO A 113 0.43 5.38 13.05
C PRO A 113 0.04 6.13 11.79
N TYR A 114 0.92 6.98 11.25
CA TYR A 114 0.64 7.78 10.07
C TYR A 114 1.50 7.44 8.86
N SER A 115 2.21 6.30 8.92
CA SER A 115 3.16 5.96 7.89
CA SER A 115 3.12 5.95 7.85
C SER A 115 3.41 4.48 7.84
N TYR A 116 3.83 3.96 6.69
CA TYR A 116 4.40 2.64 6.66
C TYR A 116 5.40 2.54 5.50
N SER A 117 6.28 1.57 5.62
CA SER A 117 7.26 1.17 4.63
CA SER A 117 7.20 1.17 4.58
CA SER A 117 7.10 1.19 4.51
C SER A 117 6.98 -0.29 4.29
N THR A 118 7.19 -0.69 3.04
CA THR A 118 7.08 -2.08 2.64
CA THR A 118 7.12 -2.09 2.68
C THR A 118 8.19 -2.41 1.66
N THR A 119 8.69 -3.63 1.71
CA THR A 119 9.66 -4.13 0.76
C THR A 119 9.37 -5.58 0.47
N ALA A 120 9.95 -6.03 -0.64
CA ALA A 120 9.85 -7.41 -1.05
C ALA A 120 11.24 -8.01 -1.13
N VAL A 121 11.38 -9.23 -0.65
CA VAL A 121 12.58 -10.04 -0.88
C VAL A 121 12.15 -11.25 -1.72
N VAL A 122 12.72 -11.37 -2.91
CA VAL A 122 12.34 -12.37 -3.88
C VAL A 122 13.53 -13.22 -4.15
N THR A 123 13.38 -14.53 -3.92
CA THR A 123 14.47 -15.47 -4.12
C THR A 123 14.03 -16.62 -5.01
N ASN A 124 15.00 -17.23 -5.68
CA ASN A 124 14.72 -18.31 -6.62
C ASN A 124 15.18 -19.61 -5.99
N PRO A 125 14.23 -20.52 -5.68
CA PRO A 125 14.63 -21.83 -5.14
C PRO A 125 15.35 -22.69 -6.20
N CYS B 10 -6.97 23.48 -1.94
CA CYS B 10 -7.18 22.01 -2.08
C CYS B 10 -6.81 21.27 -0.79
N PRO B 11 -7.72 20.44 -0.34
CA PRO B 11 -7.56 19.70 0.84
C PRO B 11 -6.76 18.43 0.67
N LEU B 12 -6.39 18.08 -0.56
CA LEU B 12 -5.68 16.80 -0.79
C LEU B 12 -4.57 17.05 -1.80
N MET B 13 -3.33 16.80 -1.41
CA MET B 13 -2.16 16.94 -2.29
C MET B 13 -1.39 15.63 -2.23
N VAL B 14 -0.74 15.30 -3.33
CA VAL B 14 0.08 14.09 -3.42
C VAL B 14 1.49 14.50 -3.83
N LYS B 15 2.49 13.97 -3.16
CA LYS B 15 3.89 14.22 -3.42
C LYS B 15 4.60 12.89 -3.62
N VAL B 16 5.37 12.74 -4.70
CA VAL B 16 6.04 11.48 -5.00
C VAL B 16 7.51 11.74 -5.26
N LEU B 17 8.35 10.96 -4.61
CA LEU B 17 9.81 11.05 -4.71
C LEU B 17 10.40 9.73 -5.17
N ASP B 18 11.57 9.81 -5.81
CA ASP B 18 12.27 8.67 -6.37
C ASP B 18 13.57 8.47 -5.58
N ALA B 19 13.67 7.31 -4.93
CA ALA B 19 14.83 6.96 -4.08
C ALA B 19 16.02 6.39 -4.85
N VAL B 20 15.87 6.12 -6.13
CA VAL B 20 16.96 5.61 -6.98
C VAL B 20 17.72 6.75 -7.57
N ARG B 21 17.01 7.74 -8.08
CA ARG B 21 17.59 8.89 -8.73
C ARG B 21 17.78 10.09 -7.82
N GLY B 22 17.13 10.09 -6.66
CA GLY B 22 17.22 11.22 -5.77
C GLY B 22 16.54 12.43 -6.33
N SER B 23 15.29 12.29 -6.73
CA SER B 23 14.62 13.34 -7.47
C SER B 23 13.13 13.25 -7.21
N PRO B 24 12.39 14.30 -7.53
CA PRO B 24 10.95 14.12 -7.63
C PRO B 24 10.63 13.06 -8.64
N ALA B 25 9.51 12.38 -8.45
CA ALA B 25 9.01 11.41 -9.43
C ALA B 25 8.03 12.15 -10.34
N ILE B 26 8.49 12.44 -11.53
CA ILE B 26 7.81 13.33 -12.46
C ILE B 26 6.96 12.55 -13.44
N ASN B 27 5.77 13.09 -13.74
CA ASN B 27 4.85 12.50 -14.72
CA ASN B 27 4.84 12.46 -14.73
C ASN B 27 4.37 11.09 -14.30
N VAL B 28 4.16 10.92 -13.01
CA VAL B 28 3.57 9.68 -12.48
C VAL B 28 2.04 9.84 -12.46
N ALA B 29 1.31 8.87 -13.00
CA ALA B 29 -0.17 8.87 -12.91
C ALA B 29 -0.61 8.51 -11.52
N VAL B 30 -1.58 9.27 -11.03
CA VAL B 30 -2.15 9.08 -9.71
C VAL B 30 -3.66 9.07 -9.86
N HIS B 31 -4.31 8.05 -9.31
CA HIS B 31 -5.76 7.96 -9.32
C HIS B 31 -6.29 7.89 -7.89
N VAL B 32 -7.31 8.69 -7.59
CA VAL B 32 -7.96 8.69 -6.30
C VAL B 32 -9.38 8.14 -6.48
N PHE B 33 -9.76 7.27 -5.58
CA PHE B 33 -11.05 6.63 -5.56
C PHE B 33 -11.68 6.88 -4.20
N ARG B 34 -13.01 6.88 -4.16
CA ARG B 34 -13.80 6.99 -2.94
CA ARG B 34 -13.75 6.94 -2.91
C ARG B 34 -14.64 5.73 -2.80
N LYS B 35 -14.67 5.16 -1.60
CA LYS B 35 -15.41 3.93 -1.39
C LYS B 35 -16.90 4.25 -1.38
N ALA B 36 -17.62 3.56 -2.26
CA ALA B 36 -19.07 3.70 -2.35
C ALA B 36 -19.82 2.83 -1.34
N ALA B 37 -21.14 3.03 -1.27
CA ALA B 37 -22.00 2.32 -0.30
C ALA B 37 -21.96 0.79 -0.45
N ASP B 38 -21.83 0.31 -1.68
CA ASP B 38 -21.72 -1.13 -1.97
C ASP B 38 -20.28 -1.68 -1.88
N ASP B 39 -19.39 -0.95 -1.22
CA ASP B 39 -17.98 -1.31 -1.03
C ASP B 39 -17.10 -1.33 -2.30
N THR B 40 -17.62 -0.79 -3.41
CA THR B 40 -16.82 -0.64 -4.61
C THR B 40 -16.10 0.70 -4.60
N TRP B 41 -15.05 0.80 -5.38
CA TRP B 41 -14.21 2.00 -5.43
C TRP B 41 -14.62 2.87 -6.62
N GLU B 42 -15.15 4.05 -6.35
CA GLU B 42 -15.60 4.93 -7.43
C GLU B 42 -14.51 5.95 -7.77
N PRO B 43 -14.20 6.15 -9.06
CA PRO B 43 -13.26 7.21 -9.39
C PRO B 43 -13.67 8.55 -8.79
N PHE B 44 -12.69 9.25 -8.25
CA PHE B 44 -12.89 10.53 -7.57
C PHE B 44 -12.09 11.63 -8.19
N ALA B 45 -10.79 11.41 -8.46
CA ALA B 45 -9.82 12.46 -8.99
C ALA B 45 -8.68 11.72 -9.53
N SER B 46 -7.98 12.37 -10.46
CA SER B 46 -6.73 11.82 -10.93
C SER B 46 -5.87 12.90 -11.61
N GLY B 47 -4.63 12.59 -11.87
CA GLY B 47 -3.75 13.50 -12.58
C GLY B 47 -2.38 12.90 -12.69
N LYS B 48 -1.43 13.68 -13.19
N LYS B 48 -1.43 13.76 -13.10
CA LYS B 48 -0.03 13.26 -13.22
CA LYS B 48 -0.03 13.40 -13.35
C LYS B 48 0.79 14.26 -12.40
C LYS B 48 0.88 14.31 -12.50
N THR B 49 1.84 13.76 -11.77
CA THR B 49 2.71 14.61 -10.96
C THR B 49 3.51 15.54 -11.87
N SER B 50 3.74 16.73 -11.34
CA SER B 50 4.51 17.79 -12.00
C SER B 50 6.01 17.53 -11.95
N GLU B 51 6.76 18.50 -12.46
CA GLU B 51 8.22 18.48 -12.39
C GLU B 51 8.76 18.50 -10.95
N SER B 52 7.92 18.90 -10.00
CA SER B 52 8.32 18.88 -8.61
C SER B 52 7.82 17.63 -7.87
N GLY B 53 7.24 16.68 -8.61
CA GLY B 53 6.67 15.48 -8.04
C GLY B 53 5.34 15.66 -7.35
N GLU B 54 4.67 16.77 -7.59
CA GLU B 54 3.46 17.11 -6.84
C GLU B 54 2.26 17.11 -7.74
N LEU B 55 1.14 16.79 -7.13
CA LEU B 55 -0.13 16.83 -7.80
C LEU B 55 -1.06 17.60 -6.91
N HIS B 56 -1.37 18.80 -7.40
CA HIS B 56 -2.21 19.78 -6.77
C HIS B 56 -3.53 19.81 -7.54
N GLY B 57 -4.54 20.35 -6.91
CA GLY B 57 -5.80 20.61 -7.58
C GLY B 57 -6.69 19.42 -7.80
N LEU B 58 -6.47 18.32 -7.07
CA LEU B 58 -7.27 17.13 -7.24
C LEU B 58 -8.72 17.36 -6.87
N THR B 59 -8.98 18.13 -5.84
CA THR B 59 -10.33 18.25 -5.35
C THR B 59 -10.53 19.60 -4.71
N THR B 60 -11.72 19.80 -4.21
CA THR B 60 -12.07 21.05 -3.52
C THR B 60 -12.61 20.69 -2.16
N GLU B 61 -12.69 21.69 -1.29
CA GLU B 61 -13.24 21.44 0.03
C GLU B 61 -14.67 20.91 -0.05
N GLU B 62 -15.48 21.45 -0.97
CA GLU B 62 -16.89 21.01 -1.11
C GLU B 62 -17.01 19.55 -1.49
N GLU B 63 -16.11 19.09 -2.36
CA GLU B 63 -16.19 17.73 -2.85
C GLU B 63 -15.59 16.65 -1.91
N PHE B 64 -14.63 17.04 -1.12
CA PHE B 64 -13.85 16.11 -0.32
C PHE B 64 -14.48 15.86 1.05
N VAL B 65 -15.51 15.04 1.08
CA VAL B 65 -16.22 14.72 2.30
C VAL B 65 -15.58 13.55 3.03
N GLU B 66 -15.98 13.35 4.27
CA GLU B 66 -15.53 12.23 5.03
C GLU B 66 -15.84 10.96 4.26
N GLY B 67 -14.98 9.98 4.40
CA GLY B 67 -15.15 8.70 3.72
C GLY B 67 -13.80 8.01 3.65
N ILE B 68 -13.80 6.86 3.03
CA ILE B 68 -12.61 6.10 2.79
C ILE B 68 -12.17 6.37 1.36
N TYR B 69 -10.91 6.69 1.22
CA TYR B 69 -10.31 7.02 -0.06
C TYR B 69 -9.12 6.12 -0.34
N LYS B 70 -8.87 5.87 -1.62
CA LYS B 70 -7.70 5.12 -2.05
CA LYS B 70 -7.71 5.13 -2.06
C LYS B 70 -6.95 5.99 -3.07
N VAL B 71 -5.65 6.15 -2.85
CA VAL B 71 -4.79 6.82 -3.79
C VAL B 71 -3.90 5.74 -4.41
N GLU B 72 -4.01 5.57 -5.71
CA GLU B 72 -3.23 4.58 -6.44
CA GLU B 72 -3.25 4.56 -6.49
C GLU B 72 -2.21 5.30 -7.30
N ILE B 73 -0.93 5.00 -7.06
CA ILE B 73 0.18 5.65 -7.76
C ILE B 73 0.73 4.64 -8.73
N ASP B 74 0.76 4.97 -10.01
CA ASP B 74 1.15 3.96 -11.06
CA ASP B 74 1.12 4.01 -11.04
C ASP B 74 2.65 3.88 -11.18
N THR B 75 3.22 3.22 -10.21
CA THR B 75 4.64 3.08 -10.11
C THR B 75 5.24 2.19 -11.19
N LYS B 76 4.53 1.16 -11.63
CA LYS B 76 5.10 0.27 -12.61
C LYS B 76 5.41 1.01 -13.90
N SER B 77 4.46 1.83 -14.36
CA SER B 77 4.68 2.64 -15.58
C SER B 77 5.79 3.66 -15.40
N TYR B 78 5.89 4.25 -14.21
CA TYR B 78 6.96 5.18 -13.92
C TYR B 78 8.32 4.51 -14.10
N TRP B 79 8.52 3.37 -13.45
CA TRP B 79 9.80 2.69 -13.53
C TRP B 79 10.11 2.22 -14.95
N LYS B 80 9.09 1.71 -15.63
CA LYS B 80 9.31 1.25 -16.99
C LYS B 80 9.74 2.40 -17.88
N ALA B 81 9.18 3.59 -17.70
CA ALA B 81 9.56 4.72 -18.56
C ALA B 81 11.00 5.16 -18.30
N LEU B 82 11.56 4.79 -17.17
CA LEU B 82 12.95 5.05 -16.82
C LEU B 82 13.87 3.88 -17.12
N GLY B 83 13.33 2.77 -17.64
CA GLY B 83 14.14 1.60 -17.96
C GLY B 83 14.54 0.72 -16.79
N ILE B 84 13.76 0.78 -15.71
CA ILE B 84 14.11 0.08 -14.47
C ILE B 84 13.06 -0.96 -14.21
N SER B 85 13.49 -2.16 -13.81
CA SER B 85 12.59 -3.27 -13.55
C SER B 85 11.90 -3.17 -12.16
N PRO B 86 10.59 -3.08 -12.11
CA PRO B 86 9.89 -2.88 -10.85
C PRO B 86 9.18 -4.13 -10.33
N PHE B 87 8.88 -4.12 -9.05
CA PHE B 87 8.18 -5.21 -8.39
C PHE B 87 6.65 -5.01 -8.39
N HIS B 88 6.21 -3.86 -7.94
CA HIS B 88 4.80 -3.63 -7.69
C HIS B 88 4.04 -3.27 -8.95
N GLU B 89 2.75 -3.57 -8.94
CA GLU B 89 1.87 -3.04 -10.00
C GLU B 89 1.65 -1.55 -9.80
N HIS B 90 1.46 -1.15 -8.57
CA HIS B 90 1.17 0.22 -8.20
C HIS B 90 1.39 0.31 -6.73
N ALA B 91 1.43 1.51 -6.19
CA ALA B 91 1.46 1.74 -4.76
C ALA B 91 0.08 2.24 -4.41
N GLU B 92 -0.48 1.74 -3.33
CA GLU B 92 -1.85 2.07 -2.92
C GLU B 92 -1.80 2.68 -1.53
N VAL B 93 -2.56 3.74 -1.30
CA VAL B 93 -2.68 4.30 0.02
C VAL B 93 -4.14 4.44 0.32
N VAL B 94 -4.61 3.77 1.35
CA VAL B 94 -6.05 3.72 1.69
C VAL B 94 -6.23 4.30 3.08
N PHE B 95 -7.11 5.29 3.21
CA PHE B 95 -7.27 6.02 4.45
C PHE B 95 -8.65 6.59 4.58
N THR B 96 -9.02 6.93 5.81
CA THR B 96 -10.28 7.64 6.09
C THR B 96 -10.03 9.15 6.27
N ALA B 97 -10.78 9.95 5.56
CA ALA B 97 -10.82 11.41 5.77
C ALA B 97 -11.76 11.62 6.93
N ASN B 98 -11.30 12.36 7.94
CA ASN B 98 -11.99 12.58 9.21
CA ASN B 98 -12.05 12.60 9.18
C ASN B 98 -12.06 14.09 9.45
N ASP B 99 -13.26 14.65 9.57
CA ASP B 99 -13.40 16.09 9.78
C ASP B 99 -12.92 16.57 11.18
N SER B 100 -12.82 15.64 12.12
CA SER B 100 -12.34 15.95 13.50
C SER B 100 -10.85 16.34 13.53
N GLY B 101 -10.09 15.88 12.54
CA GLY B 101 -8.66 16.17 12.46
C GLY B 101 -8.39 17.39 11.60
N PRO B 102 -7.12 17.65 11.29
CA PRO B 102 -6.81 18.83 10.51
C PRO B 102 -7.30 18.69 9.04
N ARG B 103 -7.32 19.81 8.34
CA ARG B 103 -8.13 19.97 7.20
C ARG B 103 -7.37 19.75 5.94
N ARG B 104 -6.02 19.77 5.96
CA ARG B 104 -5.29 19.58 4.69
C ARG B 104 -4.48 18.30 4.77
N TYR B 105 -4.64 17.46 3.76
CA TYR B 105 -3.97 16.16 3.71
C TYR B 105 -2.95 16.16 2.60
N THR B 106 -1.71 15.84 2.93
CA THR B 106 -0.70 15.54 1.95
C THR B 106 -0.33 14.07 2.07
N ILE B 107 -0.45 13.33 0.99
CA ILE B 107 -0.05 11.93 0.91
C ILE B 107 1.30 11.94 0.17
N ALA B 108 2.36 11.54 0.87
CA ALA B 108 3.70 11.51 0.31
C ALA B 108 4.14 10.06 0.15
N ALA B 109 4.82 9.77 -0.96
CA ALA B 109 5.33 8.45 -1.23
C ALA B 109 6.76 8.56 -1.73
N LEU B 110 7.62 7.65 -1.28
CA LEU B 110 9.02 7.56 -1.65
C LEU B 110 9.24 6.18 -2.29
N LEU B 111 9.59 6.19 -3.57
CA LEU B 111 9.55 4.96 -4.39
C LEU B 111 10.94 4.39 -4.65
N SER B 112 11.02 3.07 -4.51
CA SER B 112 12.14 2.27 -4.98
C SER B 112 11.58 1.09 -5.82
N PRO B 113 12.45 0.41 -6.57
CA PRO B 113 11.90 -0.62 -7.44
C PRO B 113 11.21 -1.76 -6.74
N TYR B 114 11.67 -2.18 -5.56
CA TYR B 114 11.12 -3.28 -4.79
C TYR B 114 10.55 -2.83 -3.44
N SER B 115 10.35 -1.52 -3.24
CA SER B 115 9.89 -1.03 -1.95
CA SER B 115 9.89 -1.03 -1.95
CA SER B 115 9.91 -1.01 -1.94
C SER B 115 9.27 0.34 -2.11
N TYR B 116 8.41 0.71 -1.17
CA TYR B 116 8.02 2.10 -1.07
C TYR B 116 7.71 2.41 0.40
N SER B 117 7.79 3.68 0.69
CA SER B 117 7.29 4.17 1.95
CA SER B 117 7.43 4.31 1.95
CA SER B 117 7.32 4.20 1.95
C SER B 117 6.29 5.28 1.69
N THR B 118 5.37 5.44 2.61
CA THR B 118 4.37 6.47 2.47
C THR B 118 4.03 7.07 3.84
N THR B 119 3.72 8.35 3.87
CA THR B 119 3.31 9.02 5.07
C THR B 119 2.19 10.00 4.74
N ALA B 120 1.50 10.41 5.78
CA ALA B 120 0.48 11.44 5.72
C ALA B 120 0.95 12.62 6.53
N VAL B 121 0.77 13.78 5.95
CA VAL B 121 1.04 15.04 6.62
C VAL B 121 -0.29 15.77 6.66
N VAL B 122 -0.88 15.87 7.85
CA VAL B 122 -2.24 16.39 8.00
C VAL B 122 -2.14 17.61 8.90
N THR B 123 -2.45 18.75 8.31
CA THR B 123 -2.24 20.06 8.95
C THR B 123 -3.43 20.98 8.81
N ASN B 124 -3.44 22.05 9.62
CA ASN B 124 -4.46 23.12 9.50
CA ASN B 124 -4.43 23.14 9.67
C ASN B 124 -3.84 24.42 9.06
CAA 1WZ C . 13.98 -0.72 7.86
CAP 1WZ C . 13.09 -1.72 7.30
CAJ 1WZ C . 13.32 -3.07 7.58
CAT 1WZ C . 12.01 -1.38 6.46
OAG 1WZ C . 11.79 -0.08 6.18
CAQ 1WZ C . 11.16 -2.33 5.90
CAB 1WZ C . 10.03 -2.01 5.04
CAK 1WZ C . 11.44 -3.67 6.23
CAR 1WZ C . 12.49 -4.07 7.07
CAH 1WZ C . 12.69 -5.45 7.32
CAI 1WZ C . 13.39 -6.01 8.55
CAS 1WZ C . 13.49 -7.38 8.79
CAM 1WZ C . 13.81 -7.81 10.07
CAL 1WZ C . 13.23 -8.33 7.80
CAU 1WZ C . 13.31 -9.69 8.10
CAO 1WZ C . 13.03 -10.61 7.08
OAF 1WZ C . 12.51 -11.73 7.34
OAE 1WZ C . 13.20 -10.29 5.87
CAN 1WZ C . 13.64 -10.11 9.39
CAV 1WZ C . 13.88 -9.17 10.38
NAW 1WZ C . 14.20 -9.52 11.62
CAD 1WZ C . 14.22 -8.46 12.64
CAC 1WZ C . 14.58 -10.90 11.91
CAA 1WZ D . 12.13 9.71 3.90
CAP 1WZ D . 10.84 10.14 3.38
CAJ 1WZ D . 10.63 11.44 2.95
CAT 1WZ D . 9.76 9.26 3.27
OAG 1WZ D . 9.95 7.97 3.67
CAQ 1WZ D . 8.51 9.67 2.77
CAB 1WZ D . 7.40 8.77 2.65
CAK 1WZ D . 8.37 11.02 2.39
CAR 1WZ D . 9.42 11.92 2.46
CAH 1WZ D . 9.31 13.27 2.06
CAI 1WZ D . 8.03 13.99 1.95
CAS 1WZ D . 8.04 15.33 1.60
CAM 1WZ D . 9.15 15.95 1.03
CAL 1WZ D . 6.89 16.05 1.86
CAU 1WZ D . 6.86 17.41 1.59
CAO 1WZ D . 5.70 18.13 1.86
OAF 1WZ D . 4.74 17.60 2.45
OAE 1WZ D . 5.59 19.31 1.44
CAN 1WZ D . 7.96 18.03 1.01
CAV 1WZ D . 9.11 17.30 0.71
NAW 1WZ D . 10.17 17.90 0.17
CAD 1WZ D . 10.34 19.34 0.41
CAC 1WZ D . 11.18 17.10 -0.53
#